data_9G56
#
_entry.id   9G56
#
_cell.length_a   1.00
_cell.length_b   1.00
_cell.length_c   1.00
_cell.angle_alpha   90.00
_cell.angle_beta   90.00
_cell.angle_gamma   90.00
#
_symmetry.space_group_name_H-M   'P 1'
#
_entity_poly.entity_id   1
_entity_poly.type   'polyribonucleotide'
_entity_poly.pdbx_seq_one_letter_code
;GUUAUGUGUGCCCGGCAUGGGUGCAGUCUAUAGGGUGAGAGUCCCGAACUGUGAAGGCAGAAGUAACAGUUAGCCUAACG
CAAGGGUGUCCGUGGCGACAUGGAAUCUGAAGGAAGCGGACGGCAAACCUUCGGUCUGAGGAACACGAACUUCAUAUGAG
GCUAGGUAUCAAUGGAUGAGUUUGCAUAACAAAACAAAGUCCUUUCUGCCAAAGUUGGUACAGAGUAAAUGAAGCAGAUU
GAUGAAGGGAAAGACUGCAUUCUUACCCGGGGAGGUCUGGAAACAGAAGUCAGC
;
_entity_poly.pdbx_strand_id   A
#